data_2ICZ
#
_entry.id   2ICZ
#
_cell.length_a   1.000
_cell.length_b   1.000
_cell.length_c   1.000
_cell.angle_alpha   90.00
_cell.angle_beta   90.00
_cell.angle_gamma   90.00
#
_symmetry.space_group_name_H-M   'P 1'
#
loop_
_entity.id
_entity.type
_entity.pdbx_description
1 polymer "5'-D(*(XTY)P*GP*(XTY)P*AP*(XCS)P*(XGA)P*CP*(XAE)P*(XGA)P*T)-3'"
2 polymer "5'-D(*(XAE)P*CP*TP*(XGA)P*CP*GP*(XTY)P*AP*(XCS)P*A)-3'"
#
loop_
_entity_poly.entity_id
_entity_poly.type
_entity_poly.pdbx_seq_one_letter_code
_entity_poly.pdbx_strand_id
1 'polydeoxyribonucleotide' (XTY)(DG)(XTY)(DA)(XCS)(XGA)(DC)(XAE)(XGA)(DT) A
2 'polydeoxyribonucleotide' (XAE)(DC)(DT)(XGA)(DC)(DG)(XTY)(DA)(XCS)(DA) B
#